data_6EMU
#
_entry.id   6EMU
#
_cell.length_a   71.084
_cell.length_b   71.084
_cell.length_c   191.958
_cell.angle_alpha   90.000
_cell.angle_beta   90.000
_cell.angle_gamma   120.000
#
_symmetry.space_group_name_H-M   'P 61'
#
loop_
_entity.id
_entity.type
_entity.pdbx_description
1 polymer 'tRNA (guanine(9)-/adenine(9)-N1)-methyltransferase'
2 non-polymer S-ADENOSYLMETHIONINE
3 non-polymer GLYCEROL
4 water water
#
_entity_poly.entity_id   1
_entity_poly.type   'polypeptide(L)'
_entity_poly.pdbx_seq_one_letter_code
;MGSSHHHHHHSSGLVPRGSHMDWPYFIIDLYHWDKHTQKEKGKIALQVNQSYGLLRDYFTGSELAVTWANEEFREMFHGP
LDRITTYGGPTSEFLKENGINEVVLLDPWAEEVLSEKDFDVKAFIIGGIVDTGGNKKKTTPKIGEELESAGIKVRRRKIV
LRGDVVGVPDRINRILGIILKMMVEGKSMDEAVYEMQ
;
_entity_poly.pdbx_strand_id   A,B,C
#
loop_
_chem_comp.id
_chem_comp.type
_chem_comp.name
_chem_comp.formula
GOL non-polymer GLYCEROL 'C3 H8 O3'
SAM non-polymer S-ADENOSYLMETHIONINE 'C15 H22 N6 O5 S'
#
# COMPACT_ATOMS: atom_id res chain seq x y z
N TRP A 23 34.34 7.03 -1.11
CA TRP A 23 34.82 8.31 -0.58
C TRP A 23 33.68 9.22 -0.09
N PRO A 24 32.65 9.48 -0.90
CA PRO A 24 31.55 10.33 -0.43
C PRO A 24 30.53 9.54 0.38
N TYR A 25 29.78 10.28 1.19
CA TYR A 25 28.70 9.68 1.98
C TYR A 25 27.43 9.57 1.14
N PHE A 26 26.77 8.42 1.23
CA PHE A 26 25.43 8.25 0.68
C PHE A 26 24.49 8.13 1.87
N ILE A 27 23.75 9.19 2.15
CA ILE A 27 22.94 9.30 3.35
C ILE A 27 21.48 9.05 2.98
N ILE A 28 20.85 8.11 3.68
CA ILE A 28 19.42 7.88 3.58
C ILE A 28 18.76 8.57 4.76
N ASP A 29 17.93 9.57 4.47
CA ASP A 29 17.34 10.41 5.51
C ASP A 29 16.01 9.77 5.92
N LEU A 30 16.00 9.12 7.08
CA LEU A 30 14.79 8.48 7.61
C LEU A 30 13.83 9.46 8.26
N TYR A 31 13.95 10.75 7.95
CA TYR A 31 12.93 11.72 8.29
C TYR A 31 11.60 11.21 7.75
N HIS A 32 10.53 11.39 8.55
CA HIS A 32 9.16 10.95 8.24
C HIS A 32 8.88 9.52 8.73
N TRP A 33 9.79 8.93 9.50
CA TRP A 33 9.69 7.49 9.79
C TRP A 33 8.45 7.15 10.61
N ASP A 34 8.25 7.82 11.74
CA ASP A 34 7.16 7.46 12.64
CA ASP A 34 7.15 7.46 12.64
C ASP A 34 5.78 7.76 12.06
N LYS A 35 5.70 8.50 10.96
CA LYS A 35 4.43 8.79 10.30
C LYS A 35 4.06 7.76 9.25
N HIS A 36 4.88 6.71 9.07
CA HIS A 36 4.62 5.67 8.10
C HIS A 36 3.95 4.47 8.77
N THR A 37 3.20 3.71 7.97
CA THR A 37 2.63 2.46 8.45
C THR A 37 3.73 1.42 8.61
N GLN A 38 3.38 0.32 9.29
CA GLN A 38 4.36 -0.75 9.51
C GLN A 38 4.80 -1.37 8.19
N LYS A 39 3.87 -1.54 7.25
CA LYS A 39 4.22 -2.06 5.94
C LYS A 39 5.19 -1.14 5.21
N GLU A 40 4.93 0.17 5.26
CA GLU A 40 5.81 1.14 4.62
C GLU A 40 7.17 1.18 5.29
N LYS A 41 7.20 1.06 6.62
CA LYS A 41 8.46 0.96 7.33
C LYS A 41 9.26 -0.25 6.87
N GLY A 42 8.58 -1.39 6.70
CA GLY A 42 9.26 -2.58 6.22
C GLY A 42 9.83 -2.39 4.82
N LYS A 43 9.08 -1.67 3.97
CA LYS A 43 9.57 -1.40 2.62
C LYS A 43 10.79 -0.48 2.65
N ILE A 44 10.77 0.54 3.51
CA ILE A 44 11.93 1.43 3.63
C ILE A 44 13.14 0.64 4.10
N ALA A 45 12.99 -0.12 5.18
CA ALA A 45 14.10 -0.92 5.71
C ALA A 45 14.64 -1.88 4.66
N LEU A 46 13.76 -2.48 3.86
CA LEU A 46 14.21 -3.38 2.81
C LEU A 46 15.04 -2.61 1.77
N GLN A 47 14.54 -1.44 1.36
CA GLN A 47 15.25 -0.65 0.37
C GLN A 47 16.60 -0.15 0.88
N VAL A 48 16.71 0.10 2.19
CA VAL A 48 18.00 0.43 2.77
C VAL A 48 18.93 -0.77 2.71
N ASN A 49 18.40 -1.96 3.03
CA ASN A 49 19.21 -3.18 2.97
C ASN A 49 19.71 -3.43 1.55
N GLN A 50 18.83 -3.25 0.56
CA GLN A 50 19.25 -3.39 -0.84
C GLN A 50 20.26 -2.32 -1.22
N SER A 51 20.11 -1.12 -0.67
CA SER A 51 21.07 -0.05 -0.95
C SER A 51 22.45 -0.41 -0.41
N TYR A 52 22.50 -1.04 0.76
CA TYR A 52 23.78 -1.46 1.31
C TYR A 52 24.43 -2.53 0.46
N GLY A 53 23.68 -3.57 0.12
CA GLY A 53 24.25 -4.64 -0.71
C GLY A 53 24.70 -4.13 -2.06
N LEU A 54 23.95 -3.18 -2.63
CA LEU A 54 24.36 -2.56 -3.88
C LEU A 54 25.65 -1.75 -3.70
N LEU A 55 25.74 -0.97 -2.61
CA LEU A 55 26.96 -0.23 -2.34
C LEU A 55 28.12 -1.16 -2.02
N ARG A 56 27.82 -2.34 -1.45
CA ARG A 56 28.83 -3.35 -1.22
C ARG A 56 29.40 -3.92 -2.51
N ASP A 57 28.63 -3.87 -3.60
CA ASP A 57 29.09 -4.33 -4.91
C ASP A 57 29.81 -3.24 -5.70
N TYR A 58 30.18 -2.14 -5.06
CA TYR A 58 30.87 -1.06 -5.75
C TYR A 58 32.08 -0.58 -4.94
N PHE A 59 31.82 0.14 -3.86
CA PHE A 59 32.88 0.71 -3.04
C PHE A 59 33.08 -0.07 -1.75
N GLU A 63 30.02 3.23 3.76
CA GLU A 63 29.86 4.60 3.29
C GLU A 63 28.39 4.95 3.15
N LEU A 64 27.53 4.00 3.49
CA LEU A 64 26.09 4.24 3.57
C LEU A 64 25.74 4.73 4.97
N ALA A 65 25.06 5.87 5.03
CA ALA A 65 24.67 6.48 6.30
C ALA A 65 23.15 6.60 6.37
N VAL A 66 22.61 6.39 7.56
CA VAL A 66 21.17 6.47 7.80
C VAL A 66 20.95 7.43 8.97
N THR A 67 20.37 8.58 8.68
CA THR A 67 20.07 9.57 9.71
C THR A 67 18.63 9.41 10.20
N TRP A 68 18.35 9.98 11.37
CA TRP A 68 17.08 9.74 12.07
C TRP A 68 16.85 8.24 12.25
N ALA A 69 17.94 7.50 12.47
CA ALA A 69 17.89 6.04 12.57
C ALA A 69 17.54 5.65 13.99
N ASN A 70 16.23 5.53 14.26
CA ASN A 70 15.73 5.18 15.57
C ASN A 70 15.88 3.67 15.81
N GLU A 71 15.45 3.23 16.99
CA GLU A 71 15.63 1.82 17.36
C GLU A 71 14.69 0.91 16.58
N GLU A 72 13.51 1.41 16.19
CA GLU A 72 12.59 0.57 15.42
C GLU A 72 13.17 0.26 14.05
N PHE A 73 13.82 1.23 13.40
CA PHE A 73 14.48 0.96 12.13
C PHE A 73 15.59 -0.07 12.30
N ARG A 74 16.38 0.06 13.37
CA ARG A 74 17.43 -0.90 13.65
C ARG A 74 16.86 -2.30 13.88
N GLU A 75 15.69 -2.39 14.49
CA GLU A 75 15.04 -3.69 14.67
C GLU A 75 14.48 -4.22 13.35
N MET A 76 14.01 -3.33 12.48
CA MET A 76 13.45 -3.78 11.21
C MET A 76 14.53 -4.01 10.16
N PHE A 77 15.68 -3.34 10.28
CA PHE A 77 16.78 -3.54 9.35
C PHE A 77 17.33 -4.95 9.52
N HIS A 78 17.13 -5.78 8.50
CA HIS A 78 17.57 -7.18 8.52
C HIS A 78 18.92 -7.35 7.85
N GLY A 79 19.80 -6.37 8.00
CA GLY A 79 21.15 -6.46 7.50
C GLY A 79 22.17 -6.17 8.58
N PRO A 80 23.44 -6.09 8.19
CA PRO A 80 24.50 -5.86 9.19
C PRO A 80 24.58 -4.42 9.66
N LEU A 81 24.00 -4.14 10.84
CA LEU A 81 24.06 -2.80 11.40
C LEU A 81 25.50 -2.36 11.63
N ASP A 82 26.41 -3.29 11.90
CA ASP A 82 27.81 -2.96 12.10
C ASP A 82 28.52 -2.55 10.82
N ARG A 83 27.90 -2.78 9.66
CA ARG A 83 28.51 -2.47 8.38
C ARG A 83 28.03 -1.16 7.78
N ILE A 84 27.04 -0.52 8.39
CA ILE A 84 26.57 0.79 7.94
C ILE A 84 26.68 1.77 9.09
N THR A 85 26.58 3.05 8.75
CA THR A 85 26.59 4.13 9.74
C THR A 85 25.15 4.53 10.02
N THR A 86 24.75 4.44 11.29
CA THR A 86 23.40 4.77 11.71
C THR A 86 23.47 5.88 12.76
N TYR A 87 22.79 6.99 12.51
CA TYR A 87 22.72 8.10 13.44
C TYR A 87 21.26 8.38 13.77
N GLY A 88 20.94 8.36 15.07
CA GLY A 88 19.57 8.54 15.50
C GLY A 88 19.05 9.96 15.42
N GLY A 89 19.92 10.95 15.43
CA GLY A 89 19.49 12.34 15.45
C GLY A 89 19.35 12.95 14.08
N PRO A 90 19.26 14.28 14.03
CA PRO A 90 19.02 14.97 12.76
C PRO A 90 20.17 14.80 11.77
N THR A 91 19.80 14.81 10.48
CA THR A 91 20.81 14.73 9.42
C THR A 91 21.78 15.90 9.49
N SER A 92 21.27 17.10 9.81
CA SER A 92 22.14 18.27 9.87
C SER A 92 23.23 18.10 10.92
N GLU A 93 22.89 17.52 12.07
CA GLU A 93 23.89 17.28 13.11
C GLU A 93 24.96 16.30 12.63
N PHE A 94 24.55 15.24 11.93
CA PHE A 94 25.51 14.30 11.37
C PHE A 94 26.44 14.99 10.39
N LEU A 95 25.88 15.83 9.51
CA LEU A 95 26.68 16.56 8.54
C LEU A 95 27.68 17.49 9.23
N LYS A 96 27.23 18.20 10.27
CA LYS A 96 28.13 19.13 10.96
C LYS A 96 29.23 18.39 11.71
N GLU A 97 28.90 17.25 12.33
CA GLU A 97 29.88 16.47 13.06
C GLU A 97 30.98 15.91 12.16
N ASN A 98 30.70 15.74 10.86
CA ASN A 98 31.70 15.26 9.92
C ASN A 98 32.24 16.36 9.02
N GLY A 99 32.00 17.63 9.37
CA GLY A 99 32.58 18.74 8.64
C GLY A 99 32.04 18.94 7.24
N ILE A 100 30.78 18.61 7.00
CA ILE A 100 30.17 18.75 5.68
C ILE A 100 29.17 19.91 5.74
N ASN A 101 29.41 20.92 4.91
CA ASN A 101 28.55 22.10 4.87
C ASN A 101 27.72 22.18 3.60
N GLU A 102 27.98 21.33 2.61
CA GLU A 102 27.25 21.34 1.35
C GLU A 102 26.95 19.90 0.95
N VAL A 103 25.70 19.67 0.51
CA VAL A 103 25.28 18.34 0.12
C VAL A 103 24.54 18.41 -1.21
N VAL A 104 24.38 17.24 -1.83
CA VAL A 104 23.48 17.06 -2.96
C VAL A 104 22.25 16.32 -2.46
N LEU A 105 21.08 16.92 -2.65
CA LEU A 105 19.81 16.29 -2.27
C LEU A 105 19.12 15.78 -3.53
N LEU A 106 19.04 14.46 -3.66
CA LEU A 106 18.31 13.86 -4.78
C LEU A 106 16.83 14.18 -4.63
N ASP A 107 16.33 15.04 -5.50
CA ASP A 107 14.96 15.54 -5.41
C ASP A 107 14.32 15.52 -6.79
N PRO A 108 13.27 14.72 -6.99
CA PRO A 108 12.61 14.70 -8.30
C PRO A 108 11.95 16.01 -8.66
N TRP A 109 11.69 16.88 -7.69
CA TRP A 109 11.05 18.17 -7.93
C TRP A 109 12.05 19.28 -8.23
N ALA A 110 13.35 19.00 -8.14
CA ALA A 110 14.34 20.00 -8.46
C ALA A 110 14.23 20.43 -9.92
N GLU A 111 14.65 21.66 -10.21
CA GLU A 111 14.65 22.15 -11.57
C GLU A 111 15.96 21.86 -12.29
N GLU A 112 17.04 21.63 -11.54
CA GLU A 112 18.35 21.37 -12.11
C GLU A 112 18.66 19.88 -12.04
N VAL A 113 19.27 19.38 -13.11
CA VAL A 113 19.58 17.96 -13.26
C VAL A 113 20.94 17.68 -12.64
N LEU A 114 21.05 16.51 -12.00
CA LEU A 114 22.34 16.07 -11.48
C LEU A 114 23.34 15.90 -12.63
N SER A 115 24.59 16.31 -12.39
CA SER A 115 25.62 16.24 -13.41
C SER A 115 26.96 15.97 -12.75
N GLU A 116 28.00 15.87 -13.59
CA GLU A 116 29.35 15.63 -13.08
C GLU A 116 29.87 16.78 -12.23
N LYS A 117 29.29 17.97 -12.38
CA LYS A 117 29.68 19.10 -11.54
C LYS A 117 29.23 18.96 -10.10
N ASP A 118 28.49 17.91 -9.76
CA ASP A 118 28.04 17.65 -8.41
C ASP A 118 28.75 16.48 -7.76
N PHE A 119 29.64 15.80 -8.47
CA PHE A 119 30.29 14.59 -7.95
C PHE A 119 31.45 14.90 -7.02
N ASP A 120 31.79 16.17 -6.83
CA ASP A 120 32.80 16.55 -5.85
C ASP A 120 32.22 16.80 -4.47
N VAL A 121 30.89 16.79 -4.34
CA VAL A 121 30.25 16.98 -3.05
C VAL A 121 30.49 15.75 -2.18
N LYS A 122 30.70 15.97 -0.89
CA LYS A 122 31.08 14.91 0.03
C LYS A 122 29.90 14.15 0.60
N ALA A 123 28.66 14.48 0.21
CA ALA A 123 27.50 13.78 0.72
C ALA A 123 26.34 13.90 -0.26
N PHE A 124 25.75 12.76 -0.61
CA PHE A 124 24.53 12.71 -1.40
C PHE A 124 23.41 12.16 -0.52
N ILE A 125 22.26 12.84 -0.54
CA ILE A 125 21.16 12.51 0.36
C ILE A 125 19.97 12.00 -0.44
N ILE A 126 19.49 10.82 -0.08
CA ILE A 126 18.29 10.23 -0.65
C ILE A 126 17.26 10.10 0.48
N GLY A 127 16.04 10.57 0.23
CA GLY A 127 15.02 10.57 1.27
C GLY A 127 14.48 9.18 1.54
N GLY A 128 14.40 8.82 2.81
CA GLY A 128 13.79 7.57 3.21
C GLY A 128 12.29 7.65 3.10
N ILE A 129 11.78 7.64 1.87
CA ILE A 129 10.37 7.91 1.58
C ILE A 129 9.83 6.83 0.67
N VAL A 130 8.61 6.39 0.93
CA VAL A 130 7.90 5.46 0.07
C VAL A 130 6.48 5.98 -0.14
N ASP A 131 5.97 5.82 -1.36
CA ASP A 131 4.66 6.32 -1.72
C ASP A 131 3.63 5.19 -1.66
N THR A 132 2.39 5.56 -1.38
CA THR A 132 1.29 4.60 -1.34
C THR A 132 -0.01 5.25 -1.81
N ASN A 135 -0.94 10.28 -4.07
CA ASN A 135 -0.26 9.05 -4.47
C ASN A 135 1.25 9.28 -4.56
N LYS A 136 1.66 10.55 -4.58
CA LYS A 136 3.06 10.90 -4.64
C LYS A 136 3.42 11.94 -3.59
N LYS A 137 2.88 13.15 -3.74
CA LYS A 137 3.11 14.28 -2.84
C LYS A 137 4.54 14.81 -2.93
N LYS A 138 4.71 16.09 -2.59
CA LYS A 138 6.00 16.78 -2.70
C LYS A 138 6.68 16.74 -1.34
N THR A 139 7.42 15.68 -1.09
CA THR A 139 7.98 15.40 0.23
C THR A 139 9.48 15.70 0.35
N THR A 140 10.26 15.36 -0.67
CA THR A 140 11.72 15.49 -0.58
C THR A 140 12.20 16.93 -0.37
N PRO A 141 11.71 17.95 -1.07
CA PRO A 141 12.26 19.30 -0.85
C PRO A 141 12.08 19.83 0.56
N LYS A 142 11.18 19.25 1.37
CA LYS A 142 11.10 19.65 2.76
C LYS A 142 12.37 19.27 3.53
N ILE A 143 13.00 18.16 3.15
CA ILE A 143 14.30 17.82 3.72
C ILE A 143 15.32 18.91 3.40
N GLY A 144 15.29 19.43 2.17
CA GLY A 144 16.21 20.49 1.80
C GLY A 144 15.97 21.77 2.58
N GLU A 145 14.69 22.12 2.78
CA GLU A 145 14.38 23.31 3.57
C GLU A 145 14.84 23.14 5.02
N GLU A 146 14.70 21.92 5.56
CA GLU A 146 15.19 21.66 6.91
C GLU A 146 16.70 21.77 6.98
N LEU A 147 17.40 21.24 5.98
CA LEU A 147 18.86 21.33 5.97
C LEU A 147 19.35 22.76 5.83
N GLU A 148 18.72 23.54 4.94
CA GLU A 148 19.12 24.94 4.78
C GLU A 148 18.76 25.77 6.00
N SER A 149 17.67 25.42 6.69
CA SER A 149 17.34 26.10 7.93
C SER A 149 18.37 25.83 9.02
N ALA A 150 19.12 24.73 8.90
CA ALA A 150 20.18 24.40 9.84
C ALA A 150 21.55 24.84 9.36
N GLY A 151 21.61 25.63 8.28
CA GLY A 151 22.86 26.17 7.79
C GLY A 151 23.60 25.33 6.78
N ILE A 152 22.94 24.34 6.18
CA ILE A 152 23.59 23.46 5.20
C ILE A 152 23.24 23.94 3.80
N LYS A 153 24.25 24.18 2.99
CA LYS A 153 24.03 24.47 1.59
C LYS A 153 23.57 23.20 0.88
N VAL A 154 22.47 23.30 0.14
CA VAL A 154 21.82 22.14 -0.47
C VAL A 154 21.75 22.36 -1.97
N ARG A 155 22.30 21.41 -2.73
CA ARG A 155 22.14 21.35 -4.18
C ARG A 155 21.01 20.36 -4.46
N ARG A 156 19.83 20.87 -4.80
CA ARG A 156 18.71 20.02 -5.19
C ARG A 156 18.92 19.57 -6.63
N ARG A 157 19.03 18.26 -6.84
CA ARG A 157 19.34 17.71 -8.15
C ARG A 157 18.36 16.60 -8.48
N LYS A 158 17.77 16.67 -9.66
CA LYS A 158 16.87 15.63 -10.13
C LYS A 158 17.55 14.74 -11.17
N ILE A 159 17.14 13.49 -11.19
CA ILE A 159 17.60 12.52 -12.19
C ILE A 159 16.48 12.36 -13.22
N VAL A 160 16.84 12.47 -14.49
CA VAL A 160 15.85 12.45 -15.57
C VAL A 160 16.25 11.43 -16.62
N LEU A 161 15.24 10.95 -17.35
CA LEU A 161 15.43 10.11 -18.53
C LEU A 161 14.84 10.86 -19.71
N ARG A 162 15.72 11.37 -20.58
CA ARG A 162 15.31 12.18 -21.73
C ARG A 162 14.62 13.48 -21.28
N GLY A 163 15.19 14.12 -20.27
CA GLY A 163 14.63 15.36 -19.77
C GLY A 163 13.37 15.20 -18.95
N ASP A 164 12.96 13.98 -18.66
CA ASP A 164 11.73 13.72 -17.93
C ASP A 164 12.01 12.78 -16.76
N VAL A 165 11.34 13.04 -15.63
CA VAL A 165 11.46 12.15 -14.48
C VAL A 165 10.67 10.86 -14.69
N VAL A 166 9.69 10.87 -15.61
CA VAL A 166 8.95 9.66 -15.91
C VAL A 166 9.90 8.62 -16.51
N GLY A 167 9.78 7.38 -16.04
CA GLY A 167 10.70 6.33 -16.43
C GLY A 167 11.85 6.12 -15.48
N VAL A 168 12.15 7.09 -14.62
CA VAL A 168 13.22 6.95 -13.63
C VAL A 168 12.65 6.19 -12.43
N PRO A 169 13.22 5.03 -12.08
CA PRO A 169 12.76 4.33 -10.87
C PRO A 169 13.08 5.15 -9.63
N ASP A 170 12.10 5.25 -8.73
CA ASP A 170 12.25 6.11 -7.56
C ASP A 170 12.54 5.33 -6.28
N ARG A 171 12.71 4.01 -6.36
CA ARG A 171 13.15 3.26 -5.19
C ARG A 171 14.52 3.77 -4.73
N ILE A 172 14.73 3.76 -3.42
CA ILE A 172 15.97 4.28 -2.84
C ILE A 172 17.18 3.58 -3.44
N ASN A 173 17.13 2.24 -3.49
CA ASN A 173 18.24 1.48 -4.04
C ASN A 173 18.45 1.74 -5.53
N ARG A 174 17.35 1.95 -6.28
CA ARG A 174 17.48 2.22 -7.70
C ARG A 174 18.12 3.58 -7.96
N ILE A 175 17.73 4.59 -7.17
CA ILE A 175 18.35 5.90 -7.28
C ILE A 175 19.84 5.80 -6.98
N LEU A 176 20.19 5.09 -5.91
CA LEU A 176 21.60 4.88 -5.58
C LEU A 176 22.33 4.17 -6.71
N GLY A 177 21.70 3.18 -7.32
CA GLY A 177 22.33 2.47 -8.42
C GLY A 177 22.58 3.38 -9.63
N ILE A 178 21.63 4.26 -9.92
CA ILE A 178 21.82 5.21 -11.02
C ILE A 178 23.03 6.10 -10.75
N ILE A 179 23.11 6.63 -9.52
CA ILE A 179 24.21 7.51 -9.15
C ILE A 179 25.54 6.77 -9.25
N LEU A 180 25.57 5.54 -8.74
CA LEU A 180 26.82 4.79 -8.73
C LEU A 180 27.26 4.42 -10.16
N LYS A 181 26.30 4.10 -11.03
CA LYS A 181 26.64 3.83 -12.42
C LYS A 181 27.19 5.07 -13.11
N MET A 182 26.73 6.26 -12.73
CA MET A 182 27.28 7.48 -13.29
C MET A 182 28.66 7.79 -12.70
N MET A 183 28.80 7.63 -11.38
CA MET A 183 30.01 8.07 -10.70
C MET A 183 31.17 7.08 -10.86
N VAL A 184 30.88 5.78 -10.80
CA VAL A 184 31.93 4.76 -10.80
C VAL A 184 32.16 4.20 -12.20
N GLU A 185 31.10 3.86 -12.92
CA GLU A 185 31.24 3.26 -14.24
C GLU A 185 31.31 4.27 -15.37
N GLY A 186 31.10 5.56 -15.08
CA GLY A 186 31.14 6.57 -16.11
C GLY A 186 29.98 6.56 -17.07
N LYS A 187 28.90 5.87 -16.75
CA LYS A 187 27.72 5.84 -17.60
C LYS A 187 27.06 7.21 -17.67
N SER A 188 26.47 7.52 -18.83
CA SER A 188 25.62 8.69 -18.91
C SER A 188 24.36 8.48 -18.07
N MET A 189 23.63 9.56 -17.82
CA MET A 189 22.42 9.46 -17.01
C MET A 189 21.37 8.60 -17.70
N ASP A 190 21.20 8.78 -19.01
CA ASP A 190 20.24 7.97 -19.77
C ASP A 190 20.60 6.49 -19.71
N GLU A 191 21.89 6.18 -19.91
CA GLU A 191 22.34 4.79 -19.82
C GLU A 191 22.12 4.23 -18.41
N ALA A 192 22.51 5.00 -17.39
CA ALA A 192 22.38 4.52 -16.01
C ALA A 192 20.92 4.32 -15.63
N VAL A 193 20.05 5.27 -16.01
CA VAL A 193 18.64 5.15 -15.68
C VAL A 193 18.03 3.94 -16.38
N TYR A 194 18.30 3.80 -17.68
CA TYR A 194 17.70 2.68 -18.41
C TYR A 194 18.19 1.34 -17.88
N GLU A 195 19.47 1.26 -17.50
CA GLU A 195 19.99 0.01 -16.95
C GLU A 195 19.35 -0.32 -15.60
N MET A 196 19.03 0.70 -14.80
CA MET A 196 18.36 0.50 -13.52
C MET A 196 16.85 0.50 -13.64
N GLN A 197 16.32 0.74 -14.83
CA GLN A 197 14.88 0.81 -15.05
C GLN A 197 14.22 -0.56 -15.09
N TRP B 23 -6.47 -26.86 -7.46
CA TRP B 23 -7.36 -27.51 -8.41
C TRP B 23 -7.46 -26.79 -9.76
N PRO B 24 -7.66 -25.47 -9.79
CA PRO B 24 -7.75 -24.77 -11.07
C PRO B 24 -6.39 -24.45 -11.66
N TYR B 25 -6.39 -24.18 -12.96
CA TYR B 25 -5.19 -23.73 -13.65
C TYR B 25 -4.99 -22.24 -13.44
N PHE B 26 -3.75 -21.84 -13.21
CA PHE B 26 -3.38 -20.42 -13.16
C PHE B 26 -2.50 -20.17 -14.38
N ILE B 27 -3.06 -19.51 -15.39
CA ILE B 27 -2.43 -19.39 -16.69
C ILE B 27 -1.87 -17.98 -16.84
N ILE B 28 -0.58 -17.89 -17.14
CA ILE B 28 0.06 -16.63 -17.51
C ILE B 28 0.13 -16.60 -19.03
N ASP B 29 -0.61 -15.67 -19.63
CA ASP B 29 -0.76 -15.58 -21.08
C ASP B 29 0.36 -14.72 -21.65
N LEU B 30 1.36 -15.36 -22.27
CA LEU B 30 2.45 -14.63 -22.91
C LEU B 30 2.06 -14.05 -24.26
N TYR B 31 0.76 -13.85 -24.49
CA TYR B 31 0.31 -13.01 -25.58
C TYR B 31 1.00 -11.65 -25.48
N HIS B 32 1.41 -11.11 -26.63
CA HIS B 32 2.13 -9.84 -26.78
C HIS B 32 3.61 -9.97 -26.44
N TRP B 33 4.17 -11.18 -26.42
CA TRP B 33 5.56 -11.35 -26.01
C TRP B 33 6.52 -10.66 -26.98
N ASP B 34 6.33 -10.88 -28.29
CA ASP B 34 7.25 -10.33 -29.27
C ASP B 34 7.19 -8.81 -29.36
N LYS B 35 6.15 -8.19 -28.81
CA LYS B 35 6.01 -6.75 -28.82
C LYS B 35 6.70 -6.06 -27.64
N HIS B 36 7.33 -6.84 -26.76
CA HIS B 36 8.05 -6.30 -25.62
C HIS B 36 9.52 -6.10 -25.93
N THR B 37 10.13 -5.13 -25.25
CA THR B 37 11.57 -4.98 -25.27
C THR B 37 12.22 -6.13 -24.50
N GLN B 38 13.54 -6.26 -24.65
CA GLN B 38 14.26 -7.34 -23.95
C GLN B 38 14.18 -7.17 -22.44
N LYS B 39 14.24 -5.93 -21.96
CA LYS B 39 14.10 -5.68 -20.53
C LYS B 39 12.73 -6.10 -20.02
N GLU B 40 11.68 -5.75 -20.76
CA GLU B 40 10.33 -6.13 -20.36
C GLU B 40 10.15 -7.65 -20.39
N LYS B 41 10.76 -8.31 -21.38
CA LYS B 41 10.72 -9.77 -21.41
C LYS B 41 11.39 -10.37 -20.18
N GLY B 42 12.52 -9.81 -19.77
CA GLY B 42 13.18 -10.30 -18.57
C GLY B 42 12.34 -10.12 -17.33
N LYS B 43 11.64 -8.98 -17.22
CA LYS B 43 10.78 -8.75 -16.08
C LYS B 43 9.60 -9.73 -16.08
N ILE B 44 9.04 -10.02 -17.26
CA ILE B 44 7.96 -10.99 -17.34
C ILE B 44 8.44 -12.36 -16.88
N ALA B 45 9.60 -12.79 -17.37
CA ALA B 45 10.14 -14.10 -16.98
C ALA B 45 10.39 -14.16 -15.48
N LEU B 46 10.91 -13.07 -14.90
CA LEU B 46 11.13 -13.02 -13.46
C LEU B 46 9.81 -13.17 -12.71
N GLN B 47 8.78 -12.44 -13.15
CA GLN B 47 7.50 -12.48 -12.46
C GLN B 47 6.82 -13.84 -12.59
N VAL B 48 7.05 -14.54 -13.71
CA VAL B 48 6.57 -15.91 -13.83
C VAL B 48 7.28 -16.81 -12.82
N ASN B 49 8.61 -16.65 -12.70
CA ASN B 49 9.36 -17.43 -11.73
C ASN B 49 8.84 -17.18 -10.31
N GLN B 50 8.61 -15.91 -9.97
CA GLN B 50 8.04 -15.58 -8.66
C GLN B 50 6.65 -16.17 -8.52
N SER B 51 5.88 -16.20 -9.61
CA SER B 51 4.54 -16.80 -9.56
C SER B 51 4.63 -18.28 -9.24
N TYR B 52 5.66 -18.96 -9.74
CA TYR B 52 5.82 -20.39 -9.47
C TYR B 52 6.16 -20.64 -8.01
N GLY B 53 7.16 -19.93 -7.50
CA GLY B 53 7.55 -20.12 -6.10
C GLY B 53 6.42 -19.78 -5.14
N LEU B 54 5.69 -18.70 -5.43
CA LEU B 54 4.53 -18.34 -4.62
C LEU B 54 3.47 -19.43 -4.67
N LEU B 55 3.22 -19.99 -5.86
CA LEU B 55 2.25 -21.07 -5.98
C LEU B 55 2.76 -22.35 -5.33
N ARG B 56 4.07 -22.55 -5.28
CA ARG B 56 4.64 -23.71 -4.60
C ARG B 56 4.44 -23.62 -3.09
N ASP B 57 4.29 -22.42 -2.54
CA ASP B 57 4.01 -22.22 -1.13
C ASP B 57 2.54 -22.45 -0.78
N TYR B 58 1.77 -23.03 -1.69
CA TYR B 58 0.35 -23.30 -1.45
C TYR B 58 0.00 -24.73 -1.87
N PHE B 59 0.03 -25.00 -3.16
CA PHE B 59 -0.26 -26.34 -3.67
C PHE B 59 1.03 -27.09 -3.97
N GLY B 61 3.00 -26.66 -7.35
CA GLY B 61 3.22 -25.60 -8.31
C GLY B 61 3.03 -26.05 -9.75
N SER B 62 2.37 -27.20 -9.92
CA SER B 62 2.15 -27.73 -11.26
C SER B 62 1.02 -27.00 -11.99
N GLU B 63 0.06 -26.45 -11.25
CA GLU B 63 -1.10 -25.79 -11.86
C GLU B 63 -0.77 -24.42 -12.43
N LEU B 64 0.50 -23.99 -12.41
CA LEU B 64 0.91 -22.79 -13.12
C LEU B 64 1.19 -23.14 -14.56
N ALA B 65 0.48 -22.49 -15.49
CA ALA B 65 0.64 -22.74 -16.90
C ALA B 65 0.99 -21.45 -17.63
N VAL B 66 1.81 -21.57 -18.67
CA VAL B 66 2.27 -20.43 -19.46
C VAL B 66 1.92 -20.71 -20.92
N THR B 67 0.95 -19.97 -21.45
CA THR B 67 0.55 -20.11 -22.85
C THR B 67 1.33 -19.11 -23.70
N TRP B 68 1.34 -19.37 -25.02
CA TRP B 68 2.21 -18.66 -25.96
C TRP B 68 3.66 -18.72 -25.49
N ALA B 69 4.04 -19.86 -24.92
CA ALA B 69 5.37 -20.08 -24.36
C ALA B 69 6.32 -20.43 -25.48
N ASN B 70 6.89 -19.40 -26.11
CA ASN B 70 7.87 -19.61 -27.18
C ASN B 70 9.22 -20.02 -26.59
N GLU B 71 10.17 -20.30 -27.48
CA GLU B 71 11.47 -20.81 -27.04
C GLU B 71 12.32 -19.74 -26.37
N GLU B 72 12.13 -18.46 -26.76
CA GLU B 72 12.89 -17.40 -26.12
C GLU B 72 12.50 -17.23 -24.65
N PHE B 73 11.21 -17.36 -24.35
CA PHE B 73 10.78 -17.33 -22.95
C PHE B 73 11.41 -18.48 -22.17
N ARG B 74 11.45 -19.68 -22.77
CA ARG B 74 12.03 -20.82 -22.08
C ARG B 74 13.50 -20.60 -21.78
N GLU B 75 14.23 -19.96 -22.70
CA GLU B 75 15.63 -19.66 -22.45
C GLU B 75 15.80 -18.56 -21.40
N MET B 76 14.90 -17.59 -21.38
CA MET B 76 14.98 -16.50 -20.41
C MET B 76 14.41 -16.88 -19.05
N PHE B 77 13.53 -17.86 -18.99
CA PHE B 77 12.98 -18.33 -17.71
C PHE B 77 14.08 -19.04 -16.93
N HIS B 78 14.50 -18.46 -15.82
CA HIS B 78 15.57 -19.00 -15.00
C HIS B 78 15.04 -19.85 -13.85
N GLY B 79 13.93 -20.56 -14.07
CA GLY B 79 13.40 -21.47 -13.09
C GLY B 79 13.19 -22.85 -13.67
N PRO B 80 12.56 -23.74 -12.90
CA PRO B 80 12.36 -25.12 -13.37
C PRO B 80 11.23 -25.26 -14.37
N LEU B 81 11.58 -25.37 -15.65
CA LEU B 81 10.57 -25.56 -16.69
C LEU B 81 9.85 -26.89 -16.54
N ASP B 82 10.53 -27.90 -16.00
CA ASP B 82 9.91 -29.22 -15.82
C ASP B 82 8.87 -29.23 -14.72
N ARG B 83 8.86 -28.22 -13.85
CA ARG B 83 7.91 -28.16 -12.76
C ARG B 83 6.76 -27.20 -13.03
N ILE B 84 6.75 -26.52 -14.18
CA ILE B 84 5.62 -25.71 -14.61
C ILE B 84 5.18 -26.20 -15.99
N THR B 85 3.98 -25.78 -16.37
CA THR B 85 3.42 -26.13 -17.67
C THR B 85 3.65 -24.99 -18.65
N THR B 86 4.38 -25.26 -19.73
CA THR B 86 4.64 -24.28 -20.76
C THR B 86 4.01 -24.77 -22.06
N TYR B 87 3.13 -23.95 -22.63
CA TYR B 87 2.37 -24.31 -23.83
C TYR B 87 2.68 -23.29 -24.92
N GLY B 88 3.25 -23.78 -26.02
CA GLY B 88 3.69 -22.90 -27.10
C GLY B 88 2.56 -22.25 -27.87
N GLY B 89 1.36 -22.85 -27.87
CA GLY B 89 0.27 -22.38 -28.70
C GLY B 89 -0.68 -21.42 -28.01
N PRO B 90 -1.77 -21.07 -28.69
CA PRO B 90 -2.74 -20.13 -28.13
C PRO B 90 -3.36 -20.65 -26.85
N THR B 91 -3.76 -19.71 -25.99
CA THR B 91 -4.41 -20.07 -24.73
C THR B 91 -5.70 -20.84 -24.97
N SER B 92 -6.49 -20.41 -25.96
CA SER B 92 -7.75 -21.08 -26.26
C SER B 92 -7.50 -22.53 -26.67
N GLU B 93 -6.46 -22.79 -27.47
CA GLU B 93 -6.12 -24.15 -27.83
C GLU B 93 -5.76 -24.97 -26.59
N PHE B 94 -5.02 -24.35 -25.66
CA PHE B 94 -4.67 -25.04 -24.40
C PHE B 94 -5.92 -25.38 -23.60
N LEU B 95 -6.86 -24.44 -23.52
CA LEU B 95 -8.11 -24.69 -22.81
C LEU B 95 -8.89 -25.83 -23.44
N LYS B 96 -8.98 -25.84 -24.77
CA LYS B 96 -9.74 -26.89 -25.45
C LYS B 96 -9.07 -28.25 -25.29
N GLU B 97 -7.73 -28.27 -25.33
CA GLU B 97 -7.03 -29.54 -25.12
C GLU B 97 -7.24 -30.09 -23.72
N ASN B 98 -7.53 -29.21 -22.75
CA ASN B 98 -7.81 -29.63 -21.39
C ASN B 98 -9.31 -29.62 -21.07
N GLY B 99 -10.16 -29.50 -22.09
CA GLY B 99 -11.59 -29.56 -21.88
C GLY B 99 -12.15 -28.44 -21.04
N ILE B 100 -11.58 -27.24 -21.13
CA ILE B 100 -12.03 -26.09 -20.36
C ILE B 100 -12.72 -25.12 -21.32
N ASN B 101 -13.99 -24.82 -21.03
CA ASN B 101 -14.78 -23.94 -21.88
C ASN B 101 -15.08 -22.59 -21.25
N GLU B 102 -14.79 -22.42 -19.96
CA GLU B 102 -15.07 -21.17 -19.26
C GLU B 102 -13.88 -20.82 -18.38
N VAL B 103 -13.46 -19.56 -18.43
CA VAL B 103 -12.33 -19.08 -17.65
C VAL B 103 -12.66 -17.74 -17.01
N VAL B 104 -11.85 -17.38 -16.02
CA VAL B 104 -11.86 -16.05 -15.43
C VAL B 104 -10.62 -15.31 -15.95
N LEU B 105 -10.84 -14.15 -16.55
CA LEU B 105 -9.76 -13.29 -17.02
C LEU B 105 -9.58 -12.14 -16.03
N LEU B 106 -8.45 -12.13 -15.34
CA LEU B 106 -8.11 -11.02 -14.46
C LEU B 106 -7.87 -9.79 -15.32
N ASP B 107 -8.77 -8.82 -15.22
CA ASP B 107 -8.75 -7.64 -16.07
C ASP B 107 -9.08 -6.40 -15.23
N PRO B 108 -8.14 -5.48 -15.06
CA PRO B 108 -8.45 -4.24 -14.32
C PRO B 108 -9.54 -3.42 -14.97
N TRP B 109 -9.85 -3.66 -16.24
CA TRP B 109 -10.87 -2.92 -16.96
C TRP B 109 -12.25 -3.55 -16.86
N ALA B 110 -12.35 -4.72 -16.22
CA ALA B 110 -13.64 -5.36 -16.05
C ALA B 110 -14.57 -4.50 -15.20
N GLU B 111 -15.87 -4.64 -15.44
CA GLU B 111 -16.86 -3.91 -14.66
C GLU B 111 -17.32 -4.68 -13.43
N GLU B 112 -17.08 -5.99 -13.39
CA GLU B 112 -17.45 -6.82 -12.25
C GLU B 112 -16.20 -7.19 -11.46
N VAL B 113 -16.34 -7.20 -10.15
CA VAL B 113 -15.23 -7.50 -9.24
C VAL B 113 -15.15 -9.00 -9.01
N LEU B 114 -13.92 -9.51 -8.99
CA LEU B 114 -13.69 -10.90 -8.63
C LEU B 114 -14.25 -11.18 -7.24
N SER B 115 -14.90 -12.34 -7.08
CA SER B 115 -15.46 -12.72 -5.80
C SER B 115 -15.43 -14.24 -5.69
N GLU B 116 -15.86 -14.74 -4.53
CA GLU B 116 -15.88 -16.17 -4.29
C GLU B 116 -16.80 -16.92 -5.25
N LYS B 117 -17.74 -16.20 -5.88
CA LYS B 117 -18.62 -16.78 -6.90
C LYS B 117 -17.88 -17.14 -8.18
N ASP B 118 -16.59 -16.82 -8.28
CA ASP B 118 -15.78 -17.15 -9.43
C ASP B 118 -14.78 -18.27 -9.17
N PHE B 119 -14.75 -18.81 -7.96
CA PHE B 119 -13.71 -19.75 -7.56
C PHE B 119 -13.99 -21.19 -7.96
N ASP B 120 -15.13 -21.46 -8.58
CA ASP B 120 -15.41 -22.78 -9.13
C ASP B 120 -14.96 -22.91 -10.57
N VAL B 121 -14.48 -21.83 -11.18
CA VAL B 121 -13.97 -21.88 -12.55
C VAL B 121 -12.65 -22.63 -12.57
N LYS B 122 -12.42 -23.37 -13.66
CA LYS B 122 -11.27 -24.27 -13.76
C LYS B 122 -10.01 -23.58 -14.27
N ALA B 123 -10.04 -22.29 -14.56
CA ALA B 123 -8.87 -21.61 -15.08
C ALA B 123 -8.95 -20.12 -14.81
N PHE B 124 -7.87 -19.55 -14.27
CA PHE B 124 -7.74 -18.12 -14.07
C PHE B 124 -6.58 -17.63 -14.93
N ILE B 125 -6.80 -16.55 -15.66
CA ILE B 125 -5.86 -16.08 -16.66
C ILE B 125 -5.32 -14.71 -16.25
N ILE B 126 -3.99 -14.60 -16.18
CA ILE B 126 -3.30 -13.34 -15.92
C ILE B 126 -2.47 -13.04 -17.15
N GLY B 127 -2.57 -11.80 -17.65
CA GLY B 127 -1.83 -11.43 -18.84
C GLY B 127 -0.35 -11.25 -18.52
N GLY B 128 0.49 -11.90 -19.33
CA GLY B 128 1.93 -11.73 -19.21
C GLY B 128 2.36 -10.40 -19.78
N ILE B 129 2.06 -9.32 -19.06
CA ILE B 129 2.24 -7.96 -19.53
C ILE B 129 2.96 -7.15 -18.48
N VAL B 130 3.89 -6.30 -18.91
CA VAL B 130 4.55 -5.36 -18.00
C VAL B 130 4.57 -3.97 -18.64
N LYS B 137 -2.52 1.39 -20.76
CA LYS B 137 -2.89 0.70 -21.99
C LYS B 137 -4.00 -0.31 -21.73
N LYS B 138 -4.81 -0.57 -22.76
CA LYS B 138 -5.96 -1.45 -22.68
C LYS B 138 -5.61 -2.76 -23.40
N THR B 139 -4.87 -3.61 -22.70
CA THR B 139 -4.28 -4.82 -23.30
C THR B 139 -5.01 -6.10 -22.91
N THR B 140 -5.38 -6.25 -21.63
CA THR B 140 -6.03 -7.48 -21.19
C THR B 140 -7.36 -7.76 -21.89
N PRO B 141 -8.26 -6.79 -22.12
CA PRO B 141 -9.50 -7.12 -22.84
C PRO B 141 -9.27 -7.68 -24.22
N LYS B 142 -8.11 -7.43 -24.84
CA LYS B 142 -7.82 -8.05 -26.14
C LYS B 142 -7.65 -9.56 -25.98
N ILE B 143 -7.02 -10.00 -24.88
CA ILE B 143 -6.98 -11.42 -24.57
C ILE B 143 -8.39 -11.97 -24.40
N GLY B 144 -9.27 -11.19 -23.76
CA GLY B 144 -10.65 -11.63 -23.59
C GLY B 144 -11.39 -11.72 -24.91
N GLU B 145 -11.20 -10.73 -25.79
CA GLU B 145 -11.82 -10.79 -27.11
C GLU B 145 -11.32 -11.98 -27.91
N GLU B 146 -10.02 -12.27 -27.83
CA GLU B 146 -9.48 -13.40 -28.56
C GLU B 146 -10.03 -14.72 -28.04
N LEU B 147 -10.15 -14.86 -26.71
CA LEU B 147 -10.68 -16.09 -26.14
C LEU B 147 -12.15 -16.27 -26.48
N GLU B 148 -12.95 -15.20 -26.33
CA GLU B 148 -14.36 -15.27 -26.68
C GLU B 148 -14.55 -15.51 -28.18
N SER B 149 -13.66 -14.98 -29.01
CA SER B 149 -13.76 -15.22 -30.45
C SER B 149 -13.44 -16.66 -30.81
N ALA B 150 -12.72 -17.37 -29.94
CA ALA B 150 -12.42 -18.78 -30.15
C ALA B 150 -13.41 -19.71 -29.47
N GLY B 151 -14.51 -19.17 -28.95
CA GLY B 151 -15.54 -19.99 -28.33
C GLY B 151 -15.40 -20.21 -26.85
N ILE B 152 -14.52 -19.49 -26.18
CA ILE B 152 -14.28 -19.64 -24.74
C ILE B 152 -15.11 -18.61 -23.99
N LYS B 153 -15.89 -19.06 -23.02
CA LYS B 153 -16.62 -18.14 -22.16
C LYS B 153 -15.66 -17.47 -21.19
N VAL B 154 -15.71 -16.15 -21.11
CA VAL B 154 -14.75 -15.36 -20.36
C VAL B 154 -15.49 -14.54 -19.32
N ARG B 155 -15.13 -14.73 -18.05
CA ARG B 155 -15.56 -13.87 -16.96
C ARG B 155 -14.47 -12.85 -16.72
N ARG B 156 -14.65 -11.64 -17.24
CA ARG B 156 -13.72 -10.56 -16.94
C ARG B 156 -13.94 -10.08 -15.51
N ARG B 157 -12.92 -10.19 -14.67
CA ARG B 157 -13.03 -9.86 -13.26
C ARG B 157 -11.87 -8.96 -12.85
N LYS B 158 -12.17 -7.87 -12.15
CA LYS B 158 -11.16 -6.95 -11.68
C LYS B 158 -10.92 -7.11 -10.18
N ILE B 159 -9.71 -6.75 -9.76
CA ILE B 159 -9.33 -6.72 -8.35
C ILE B 159 -9.26 -5.26 -7.93
N VAL B 160 -9.95 -4.93 -6.83
CA VAL B 160 -10.04 -3.55 -6.37
C VAL B 160 -9.69 -3.48 -4.89
N LEU B 161 -9.24 -2.29 -4.48
CA LEU B 161 -8.99 -1.97 -3.08
C LEU B 161 -9.91 -0.82 -2.69
N ARG B 162 -10.89 -1.11 -1.83
CA ARG B 162 -11.91 -0.15 -1.43
C ARG B 162 -12.64 0.41 -2.67
N GLY B 163 -13.04 -0.50 -3.56
CA GLY B 163 -13.77 -0.13 -4.75
C GLY B 163 -12.94 0.49 -5.85
N ASP B 164 -11.61 0.55 -5.70
CA ASP B 164 -10.75 1.22 -6.66
C ASP B 164 -9.56 0.34 -7.02
N VAL B 165 -9.12 0.46 -8.28
CA VAL B 165 -7.95 -0.28 -8.77
C VAL B 165 -6.65 0.40 -8.41
N VAL B 166 -6.69 1.66 -7.95
CA VAL B 166 -5.46 2.44 -7.73
C VAL B 166 -4.53 1.73 -6.77
N GLY B 167 -5.06 1.20 -5.67
CA GLY B 167 -4.21 0.61 -4.65
C GLY B 167 -3.71 -0.79 -4.95
N VAL B 168 -4.17 -1.40 -6.03
CA VAL B 168 -3.92 -2.81 -6.32
C VAL B 168 -2.59 -2.91 -7.07
N PRO B 169 -1.63 -3.69 -6.57
CA PRO B 169 -0.40 -3.91 -7.34
C PRO B 169 -0.68 -4.72 -8.61
N ASP B 170 0.06 -4.42 -9.67
CA ASP B 170 -0.20 -5.02 -10.97
C ASP B 170 0.84 -6.04 -11.40
N ARG B 171 1.83 -6.34 -10.56
CA ARG B 171 2.77 -7.41 -10.89
C ARG B 171 2.02 -8.73 -10.99
N ILE B 172 2.47 -9.58 -11.93
CA ILE B 172 1.81 -10.87 -12.16
C ILE B 172 1.77 -11.69 -10.87
N ASN B 173 2.92 -11.82 -10.21
CA ASN B 173 2.99 -12.60 -8.98
C ASN B 173 2.14 -11.99 -7.87
N ARG B 174 2.06 -10.66 -7.81
CA ARG B 174 1.25 -10.02 -6.78
C ARG B 174 -0.23 -10.29 -7.01
N ILE B 175 -0.68 -10.21 -8.27
CA ILE B 175 -2.06 -10.54 -8.59
C ILE B 175 -2.36 -11.98 -8.21
N LEU B 176 -1.46 -12.90 -8.56
CA LEU B 176 -1.64 -14.29 -8.19
C LEU B 176 -1.70 -14.46 -6.68
N GLY B 177 -0.85 -13.73 -5.95
CA GLY B 177 -0.86 -13.80 -4.50
C GLY B 177 -2.18 -13.34 -3.91
N ILE B 178 -2.76 -12.28 -4.49
CA ILE B 178 -4.08 -11.83 -4.03
C ILE B 178 -5.12 -12.91 -4.24
N ILE B 179 -5.11 -13.52 -5.42
CA ILE B 179 -6.08 -14.59 -5.71
C ILE B 179 -5.90 -15.74 -4.75
N LEU B 180 -4.65 -16.16 -4.51
CA LEU B 180 -4.39 -17.30 -3.63
C LEU B 180 -4.80 -16.99 -2.19
N LYS B 181 -4.60 -15.74 -1.75
CA LYS B 181 -4.99 -15.39 -0.39
C LYS B 181 -6.51 -15.40 -0.23
N MET B 182 -7.24 -15.00 -1.27
CA MET B 182 -8.69 -15.08 -1.22
C MET B 182 -9.19 -16.51 -1.30
N MET B 183 -8.61 -17.30 -2.21
CA MET B 183 -9.14 -18.64 -2.51
C MET B 183 -8.76 -19.66 -1.45
N VAL B 184 -7.54 -19.59 -0.93
CA VAL B 184 -7.00 -20.60 -0.02
C VAL B 184 -7.15 -20.19 1.44
N GLU B 185 -6.79 -18.95 1.77
CA GLU B 185 -6.84 -18.47 3.14
C GLU B 185 -8.18 -17.84 3.48
N GLY B 186 -9.08 -17.68 2.52
CA GLY B 186 -10.38 -17.09 2.75
C GLY B 186 -10.37 -15.61 3.07
N LYS B 187 -9.26 -14.91 2.83
CA LYS B 187 -9.20 -13.49 3.09
C LYS B 187 -10.13 -12.72 2.16
N SER B 188 -10.65 -11.61 2.65
CA SER B 188 -11.40 -10.71 1.79
C SER B 188 -10.47 -10.07 0.78
N MET B 189 -11.05 -9.42 -0.24
CA MET B 189 -10.23 -8.79 -1.27
C MET B 189 -9.41 -7.65 -0.69
N ASP B 190 -10.03 -6.81 0.15
CA ASP B 190 -9.30 -5.72 0.79
C ASP B 190 -8.17 -6.26 1.65
N GLU B 191 -8.41 -7.33 2.39
CA GLU B 191 -7.36 -7.94 3.20
C GLU B 191 -6.26 -8.52 2.32
N ALA B 192 -6.64 -9.27 1.29
CA ALA B 192 -5.66 -9.89 0.41
C ALA B 192 -4.83 -8.85 -0.34
N VAL B 193 -5.50 -7.80 -0.85
CA VAL B 193 -4.78 -6.76 -1.57
C VAL B 193 -3.82 -6.03 -0.65
N TYR B 194 -4.29 -5.65 0.55
CA TYR B 194 -3.44 -4.92 1.47
C TYR B 194 -2.23 -5.75 1.87
N GLU B 195 -2.43 -7.05 2.11
CA GLU B 195 -1.30 -7.90 2.50
C GLU B 195 -0.29 -8.02 1.37
N MET B 196 -0.76 -8.05 0.12
CA MET B 196 0.11 -8.13 -1.04
C MET B 196 0.64 -6.77 -1.48
N GLN B 197 0.12 -5.69 -0.91
CA GLN B 197 0.50 -4.34 -1.28
C GLN B 197 1.87 -3.97 -0.72
N PRO C 24 -14.22 -2.09 25.86
CA PRO C 24 -14.46 -2.30 24.42
C PRO C 24 -13.64 -1.36 23.55
N TYR C 25 -13.47 -1.72 22.28
CA TYR C 25 -12.75 -0.86 21.34
C TYR C 25 -13.68 0.21 20.78
N PHE C 26 -13.15 1.41 20.63
CA PHE C 26 -13.83 2.49 19.91
C PHE C 26 -13.00 2.76 18.65
N ILE C 27 -13.49 2.30 17.51
CA ILE C 27 -12.74 2.31 16.27
C ILE C 27 -13.24 3.45 15.39
N ILE C 28 -12.32 4.23 14.85
CA ILE C 28 -12.60 5.22 13.82
C ILE C 28 -12.11 4.65 12.50
N ASP C 29 -13.04 4.41 11.57
CA ASP C 29 -12.77 3.70 10.33
C ASP C 29 -12.50 4.73 9.23
N LEU C 30 -11.25 4.78 8.77
CA LEU C 30 -10.84 5.67 7.70
C LEU C 30 -11.03 5.05 6.32
N TYR C 31 -12.10 4.26 6.15
CA TYR C 31 -12.37 3.59 4.89
C TYR C 31 -12.51 4.58 3.74
N HIS C 32 -13.33 5.61 3.92
CA HIS C 32 -13.60 6.60 2.87
C HIS C 32 -12.62 7.76 2.89
N TRP C 33 -11.38 7.53 3.35
CA TRP C 33 -10.41 8.61 3.49
C TRP C 33 -10.11 9.28 2.15
N ASP C 34 -9.85 8.48 1.12
CA ASP C 34 -9.44 9.04 -0.16
C ASP C 34 -10.52 9.90 -0.81
N LYS C 35 -11.75 9.81 -0.34
CA LYS C 35 -12.87 10.57 -0.89
C LYS C 35 -13.01 11.95 -0.24
N HIS C 36 -12.11 12.31 0.66
CA HIS C 36 -12.18 13.59 1.34
C HIS C 36 -11.16 14.57 0.76
N THR C 37 -11.50 15.86 0.82
CA THR C 37 -10.56 16.91 0.46
C THR C 37 -9.51 17.04 1.57
N GLN C 38 -8.45 17.81 1.26
CA GLN C 38 -7.40 18.02 2.25
C GLN C 38 -7.95 18.70 3.51
N LYS C 39 -8.86 19.66 3.33
CA LYS C 39 -9.47 20.31 4.49
C LYS C 39 -10.32 19.33 5.28
N GLU C 40 -11.11 18.50 4.58
CA GLU C 40 -11.91 17.49 5.28
C GLU C 40 -11.03 16.49 6.01
N LYS C 41 -9.91 16.09 5.39
CA LYS C 41 -8.99 15.18 6.04
C LYS C 41 -8.43 15.79 7.33
N GLY C 42 -8.05 17.08 7.27
CA GLY C 42 -7.60 17.74 8.48
C GLY C 42 -8.69 17.79 9.55
N LYS C 43 -9.94 17.95 9.13
CA LYS C 43 -11.04 17.92 10.07
C LYS C 43 -11.19 16.54 10.71
N ILE C 44 -11.01 15.48 9.91
CA ILE C 44 -11.09 14.12 10.44
C ILE C 44 -10.01 13.90 11.48
N ALA C 45 -8.75 14.23 11.14
CA ALA C 45 -7.65 14.06 12.08
C ALA C 45 -7.88 14.89 13.34
N LEU C 46 -8.42 16.10 13.20
CA LEU C 46 -8.72 16.93 14.36
C LEU C 46 -9.77 16.28 15.24
N GLN C 47 -10.82 15.72 14.64
CA GLN C 47 -11.88 15.09 15.42
C GLN C 47 -11.39 13.79 16.07
N VAL C 48 -10.44 13.10 15.43
CA VAL C 48 -9.80 11.97 16.09
C VAL C 48 -9.01 12.43 17.30
N ASN C 49 -8.27 13.53 17.17
CA ASN C 49 -7.58 14.13 18.31
C ASN C 49 -8.55 14.41 19.44
N GLN C 50 -9.67 15.07 19.14
CA GLN C 50 -10.67 15.35 20.16
C GLN C 50 -11.26 14.07 20.72
N SER C 51 -11.41 13.04 19.88
CA SER C 51 -11.95 11.76 20.34
C SER C 51 -11.02 11.12 21.37
N TYR C 52 -9.70 11.22 21.16
CA TYR C 52 -8.76 10.67 22.13
C TYR C 52 -8.81 11.45 23.44
N GLY C 53 -8.76 12.78 23.36
CA GLY C 53 -8.83 13.58 24.56
C GLY C 53 -10.13 13.37 25.33
N LEU C 54 -11.23 13.15 24.61
CA LEU C 54 -12.50 12.86 25.27
C LEU C 54 -12.49 11.48 25.91
N LEU C 55 -11.91 10.49 25.23
CA LEU C 55 -11.83 9.14 25.79
C LEU C 55 -10.91 9.10 26.99
N ARG C 56 -9.95 10.03 27.08
CA ARG C 56 -9.07 10.08 28.24
C ARG C 56 -9.79 10.55 29.49
N ASP C 57 -10.89 11.29 29.34
CA ASP C 57 -11.70 11.72 30.47
C ASP C 57 -12.64 10.61 30.95
N TYR C 58 -12.45 9.38 30.49
CA TYR C 58 -13.26 8.24 30.90
C TYR C 58 -12.38 7.06 31.30
N PHE C 59 -11.66 6.49 30.31
CA PHE C 59 -10.80 5.35 30.56
C PHE C 59 -9.36 5.81 30.43
N THR C 60 -8.70 5.58 29.31
CA THR C 60 -7.28 5.93 29.16
C THR C 60 -7.04 6.66 27.84
N GLU C 63 -7.40 2.78 24.07
CA GLU C 63 -8.43 1.89 23.56
C GLU C 63 -9.18 2.53 22.39
N LEU C 64 -8.69 3.69 21.95
CA LEU C 64 -9.15 4.30 20.72
C LEU C 64 -8.33 3.75 19.56
N ALA C 65 -9.00 3.18 18.57
CA ALA C 65 -8.32 2.56 17.43
C ALA C 65 -8.72 3.26 16.15
N VAL C 66 -7.76 3.38 15.24
CA VAL C 66 -7.98 3.99 13.92
C VAL C 66 -7.53 2.98 12.87
N THR C 67 -8.49 2.43 12.14
CA THR C 67 -8.18 1.50 11.05
C THR C 67 -8.11 2.27 9.73
N TRP C 68 -7.47 1.64 8.73
CA TRP C 68 -7.10 2.32 7.50
C TRP C 68 -6.28 3.58 7.81
N ALA C 69 -5.44 3.47 8.84
CA ALA C 69 -4.64 4.61 9.32
C ALA C 69 -3.43 4.77 8.42
N ASN C 70 -3.64 5.46 7.31
CA ASN C 70 -2.61 5.64 6.29
C ASN C 70 -1.60 6.70 6.72
N GLU C 71 -0.58 6.90 5.88
CA GLU C 71 0.48 7.85 6.19
C GLU C 71 -0.02 9.29 6.17
N GLU C 72 -0.96 9.60 5.26
CA GLU C 72 -1.47 10.97 5.17
C GLU C 72 -2.18 11.38 6.45
N PHE C 73 -2.99 10.47 7.02
CA PHE C 73 -3.64 10.75 8.30
C PHE C 73 -2.62 10.89 9.41
N ARG C 74 -1.60 10.04 9.42
CA ARG C 74 -0.58 10.10 10.46
C ARG C 74 0.19 11.42 10.41
N GLU C 75 0.43 11.92 9.19
CA GLU C 75 1.08 13.22 9.06
C GLU C 75 0.14 14.35 9.49
N MET C 76 -1.16 14.19 9.29
CA MET C 76 -2.11 15.22 9.67
C MET C 76 -2.51 15.14 11.14
N PHE C 77 -2.44 13.96 11.74
CA PHE C 77 -2.79 13.80 13.15
C PHE C 77 -1.76 14.51 14.01
N HIS C 78 -2.17 15.58 14.68
CA HIS C 78 -1.28 16.38 15.52
C HIS C 78 -1.40 16.01 17.00
N GLY C 79 -1.58 14.71 17.27
CA GLY C 79 -1.65 14.23 18.64
C GLY C 79 -0.66 13.11 18.88
N PRO C 80 -0.72 12.52 20.08
CA PRO C 80 0.22 11.44 20.42
C PRO C 80 -0.13 10.12 19.76
N LEU C 81 0.59 9.77 18.68
CA LEU C 81 0.32 8.53 17.97
C LEU C 81 0.60 7.31 18.84
N ASP C 82 1.54 7.42 19.79
CA ASP C 82 1.88 6.29 20.64
C ASP C 82 0.82 5.97 21.67
N ARG C 83 -0.13 6.87 21.91
CA ARG C 83 -1.17 6.66 22.90
C ARG C 83 -2.49 6.19 22.30
N ILE C 84 -2.58 6.08 20.99
CA ILE C 84 -3.76 5.50 20.34
C ILE C 84 -3.30 4.32 19.50
N THR C 85 -4.26 3.46 19.16
CA THR C 85 -4.01 2.29 18.34
C THR C 85 -4.24 2.63 16.88
N THR C 86 -3.20 2.53 16.06
CA THR C 86 -3.30 2.81 14.63
C THR C 86 -2.99 1.54 13.86
N TYR C 87 -3.92 1.15 12.99
CA TYR C 87 -3.79 -0.03 12.14
C TYR C 87 -3.89 0.43 10.70
N GLY C 88 -2.83 0.21 9.92
CA GLY C 88 -2.83 0.66 8.54
C GLY C 88 -3.79 -0.11 7.65
N GLY C 89 -4.07 -1.36 7.99
CA GLY C 89 -4.85 -2.23 7.13
C GLY C 89 -6.34 -2.17 7.38
N PRO C 90 -7.07 -3.10 6.76
CA PRO C 90 -8.54 -3.09 6.85
C PRO C 90 -9.04 -3.30 8.26
N THR C 91 -10.21 -2.71 8.54
CA THR C 91 -10.84 -2.85 9.85
C THR C 91 -11.12 -4.32 10.17
N SER C 92 -11.54 -5.09 9.16
CA SER C 92 -11.84 -6.50 9.39
C SER C 92 -10.62 -7.27 9.85
N GLU C 93 -9.45 -6.98 9.28
CA GLU C 93 -8.22 -7.65 9.70
C GLU C 93 -7.88 -7.30 11.14
N PHE C 94 -8.05 -6.04 11.53
CA PHE C 94 -7.81 -5.64 12.91
C PHE C 94 -8.74 -6.38 13.86
N LEU C 95 -10.01 -6.50 13.49
CA LEU C 95 -10.97 -7.22 14.33
C LEU C 95 -10.61 -8.69 14.44
N LYS C 96 -10.26 -9.32 13.32
CA LYS C 96 -9.90 -10.73 13.34
C LYS C 96 -8.62 -10.97 14.14
N GLU C 97 -7.66 -10.05 14.05
CA GLU C 97 -6.43 -10.20 14.81
C GLU C 97 -6.67 -10.13 16.31
N ASN C 98 -7.73 -9.42 16.73
CA ASN C 98 -8.06 -9.28 18.14
C ASN C 98 -9.22 -10.17 18.57
N GLY C 99 -9.57 -11.17 17.76
CA GLY C 99 -10.61 -12.11 18.13
C GLY C 99 -12.00 -11.52 18.26
N ILE C 100 -12.31 -10.48 17.49
CA ILE C 100 -13.63 -9.84 17.52
C ILE C 100 -14.36 -10.21 16.24
N ASN C 101 -15.53 -10.85 16.39
CA ASN C 101 -16.32 -11.27 15.24
C ASN C 101 -17.64 -10.52 15.11
N GLU C 102 -17.99 -9.68 16.08
CA GLU C 102 -19.24 -8.93 16.03
C GLU C 102 -19.00 -7.52 16.54
N VAL C 103 -19.49 -6.53 15.80
CA VAL C 103 -19.26 -5.13 16.13
C VAL C 103 -20.59 -4.37 16.07
N VAL C 104 -20.57 -3.16 16.63
CA VAL C 104 -21.65 -2.21 16.49
C VAL C 104 -21.16 -1.08 15.60
N LEU C 105 -21.92 -0.80 14.54
CA LEU C 105 -21.61 0.29 13.62
C LEU C 105 -22.57 1.45 13.87
N LEU C 106 -22.04 2.58 14.31
CA LEU C 106 -22.84 3.78 14.48
C LEU C 106 -23.22 4.31 13.10
N ASP C 107 -24.50 4.17 12.76
CA ASP C 107 -24.94 4.51 11.41
C ASP C 107 -26.26 5.27 11.48
N PRO C 108 -26.29 6.54 11.04
CA PRO C 108 -27.55 7.28 11.05
C PRO C 108 -28.62 6.68 10.15
N TRP C 109 -28.24 5.83 9.20
CA TRP C 109 -29.18 5.19 8.29
C TRP C 109 -29.74 3.88 8.85
N ALA C 110 -29.28 3.46 10.02
CA ALA C 110 -29.76 2.23 10.62
C ALA C 110 -31.25 2.34 10.94
N GLU C 111 -31.93 1.19 10.95
CA GLU C 111 -33.34 1.17 11.31
C GLU C 111 -33.54 0.99 12.82
N GLU C 112 -32.59 0.38 13.50
CA GLU C 112 -32.68 0.17 14.95
C GLU C 112 -31.83 1.19 15.69
N VAL C 113 -32.36 1.66 16.81
CA VAL C 113 -31.70 2.65 17.64
C VAL C 113 -30.76 1.96 18.61
N LEU C 114 -29.57 2.54 18.79
CA LEU C 114 -28.62 2.04 19.78
C LEU C 114 -29.26 2.00 21.16
N SER C 115 -28.97 0.94 21.91
CA SER C 115 -29.53 0.78 23.25
C SER C 115 -28.56 0.00 24.11
N GLU C 116 -28.93 -0.18 25.38
CA GLU C 116 -28.09 -0.91 26.33
C GLU C 116 -27.89 -2.36 25.93
N LYS C 117 -28.80 -2.92 25.14
CA LYS C 117 -28.64 -4.30 24.67
C LYS C 117 -27.48 -4.45 23.71
N ASP C 118 -26.84 -3.35 23.29
CA ASP C 118 -25.69 -3.39 22.41
C ASP C 118 -24.38 -3.11 23.12
N PHE C 119 -24.40 -2.89 24.43
CA PHE C 119 -23.22 -2.45 25.16
C PHE C 119 -22.31 -3.60 25.59
N ASP C 120 -22.69 -4.85 25.32
CA ASP C 120 -21.81 -5.97 25.58
C ASP C 120 -20.93 -6.31 24.38
N VAL C 121 -21.12 -5.63 23.26
CA VAL C 121 -20.30 -5.87 22.08
C VAL C 121 -18.91 -5.32 22.32
N LYS C 122 -17.90 -6.03 21.81
CA LYS C 122 -16.50 -5.74 22.09
C LYS C 122 -15.91 -4.69 21.16
N ALA C 123 -16.70 -4.10 20.26
CA ALA C 123 -16.16 -3.10 19.35
C ALA C 123 -17.28 -2.22 18.83
N PHE C 124 -17.07 -0.90 18.90
CA PHE C 124 -17.98 0.08 18.32
C PHE C 124 -17.22 0.85 17.25
N ILE C 125 -17.85 1.03 16.10
CA ILE C 125 -17.20 1.60 14.93
C ILE C 125 -17.89 2.90 14.55
N ILE C 126 -17.11 3.97 14.43
CA ILE C 126 -17.58 5.26 13.91
C ILE C 126 -16.84 5.53 12.61
N GLY C 127 -17.57 5.97 11.59
CA GLY C 127 -16.95 6.22 10.30
C GLY C 127 -16.14 7.50 10.31
N GLY C 128 -14.92 7.43 9.80
CA GLY C 128 -14.10 8.61 9.63
C GLY C 128 -14.55 9.40 8.42
N ILE C 129 -15.69 10.08 8.54
CA ILE C 129 -16.34 10.74 7.42
C ILE C 129 -16.72 12.16 7.83
N VAL C 130 -16.48 13.10 6.91
CA VAL C 130 -16.90 14.50 7.08
C VAL C 130 -17.58 14.93 5.79
N ASP C 131 -18.76 15.54 5.91
CA ASP C 131 -19.58 15.92 4.77
C ASP C 131 -19.45 17.41 4.48
N THR C 132 -19.64 17.77 3.22
CA THR C 132 -19.64 19.18 2.82
C THR C 132 -20.80 19.44 1.86
N LYS C 136 -21.74 13.40 0.46
CA LYS C 136 -21.47 11.98 0.52
C LYS C 136 -22.58 11.25 1.29
N LYS C 137 -23.71 11.06 0.62
CA LYS C 137 -24.85 10.40 1.23
C LYS C 137 -24.63 8.90 1.34
N LYS C 138 -25.20 8.30 2.39
CA LYS C 138 -25.12 6.88 2.67
C LYS C 138 -23.70 6.35 2.53
N THR C 139 -22.81 6.84 3.40
CA THR C 139 -21.41 6.43 3.39
C THR C 139 -21.09 5.38 4.45
N THR C 140 -21.69 5.52 5.64
CA THR C 140 -21.46 4.56 6.71
C THR C 140 -21.96 3.15 6.39
N PRO C 141 -23.17 2.97 5.83
CA PRO C 141 -23.61 1.59 5.53
C PRO C 141 -22.70 0.86 4.56
N LYS C 142 -21.95 1.58 3.72
CA LYS C 142 -20.95 0.92 2.88
C LYS C 142 -19.88 0.27 3.72
N ILE C 143 -19.46 0.94 4.80
CA ILE C 143 -18.53 0.32 5.75
C ILE C 143 -19.13 -0.94 6.33
N GLY C 144 -20.42 -0.91 6.65
CA GLY C 144 -21.07 -2.08 7.21
C GLY C 144 -21.13 -3.24 6.23
N GLU C 145 -21.50 -2.96 4.98
CA GLU C 145 -21.56 -4.01 3.97
C GLU C 145 -20.18 -4.61 3.72
N GLU C 146 -19.13 -3.78 3.72
CA GLU C 146 -17.79 -4.29 3.52
C GLU C 146 -17.33 -5.14 4.70
N LEU C 147 -17.68 -4.74 5.92
CA LEU C 147 -17.34 -5.55 7.09
C LEU C 147 -18.06 -6.88 7.06
N GLU C 148 -19.34 -6.89 6.72
CA GLU C 148 -20.08 -8.15 6.64
C GLU C 148 -19.60 -9.02 5.50
N SER C 149 -19.16 -8.41 4.39
CA SER C 149 -18.59 -9.17 3.29
C SER C 149 -17.25 -9.80 3.68
N ALA C 150 -16.60 -9.29 4.72
CA ALA C 150 -15.35 -9.85 5.21
C ALA C 150 -15.56 -10.76 6.42
N GLY C 151 -16.80 -11.14 6.70
CA GLY C 151 -17.09 -12.09 7.76
C GLY C 151 -17.36 -11.50 9.13
N ILE C 152 -17.55 -10.20 9.23
CA ILE C 152 -17.78 -9.53 10.51
C ILE C 152 -19.29 -9.29 10.67
N LYS C 153 -19.85 -9.77 11.78
CA LYS C 153 -21.24 -9.48 12.08
C LYS C 153 -21.37 -8.03 12.53
N VAL C 154 -22.29 -7.30 11.91
CA VAL C 154 -22.41 -5.86 12.11
C VAL C 154 -23.80 -5.54 12.63
N ARG C 155 -23.87 -4.93 13.81
CA ARG C 155 -25.12 -4.38 14.34
C ARG C 155 -25.16 -2.90 13.97
N ARG C 156 -25.93 -2.57 12.93
CA ARG C 156 -26.12 -1.17 12.57
C ARG C 156 -27.05 -0.50 13.57
N ARG C 157 -26.56 0.53 14.26
CA ARG C 157 -27.32 1.21 15.30
C ARG C 157 -27.24 2.71 15.10
N LYS C 158 -28.39 3.39 15.12
CA LYS C 158 -28.43 4.82 14.97
C LYS C 158 -28.67 5.51 16.31
N ILE C 159 -28.16 6.73 16.42
CA ILE C 159 -28.41 7.61 17.55
C ILE C 159 -29.42 8.66 17.11
N VAL C 160 -30.51 8.79 17.88
CA VAL C 160 -31.58 9.72 17.54
C VAL C 160 -31.88 10.61 18.73
N LEU C 161 -32.45 11.77 18.45
CA LEU C 161 -32.98 12.67 19.45
C LEU C 161 -34.49 12.70 19.25
N ARG C 162 -35.21 11.95 20.09
CA ARG C 162 -36.67 11.83 20.03
C ARG C 162 -37.12 11.15 18.74
N GLY C 163 -36.49 10.03 18.43
CA GLY C 163 -36.84 9.26 17.25
C GLY C 163 -36.35 9.84 15.94
N ASP C 164 -35.71 11.01 15.97
CA ASP C 164 -35.17 11.64 14.77
C ASP C 164 -33.69 11.92 14.94
N VAL C 165 -32.93 11.73 13.85
CA VAL C 165 -31.50 12.04 13.87
C VAL C 165 -31.26 13.55 13.84
N VAL C 166 -32.28 14.34 13.48
CA VAL C 166 -32.14 15.79 13.51
C VAL C 166 -31.87 16.25 14.93
N GLY C 167 -30.86 17.11 15.09
CA GLY C 167 -30.42 17.54 16.39
C GLY C 167 -29.27 16.75 16.96
N VAL C 168 -29.01 15.55 16.44
CA VAL C 168 -27.88 14.74 16.87
C VAL C 168 -26.63 15.27 16.17
N PRO C 169 -25.62 15.72 16.92
CA PRO C 169 -24.36 16.13 16.27
C PRO C 169 -23.72 14.95 15.58
N ASP C 170 -23.17 15.20 14.38
CA ASP C 170 -22.58 14.13 13.59
C ASP C 170 -21.06 14.12 13.64
N ARG C 171 -20.44 15.02 14.40
CA ARG C 171 -19.00 14.99 14.58
C ARG C 171 -18.59 13.66 15.21
N ILE C 172 -17.44 13.14 14.76
CA ILE C 172 -16.97 11.84 15.22
C ILE C 172 -16.81 11.84 16.74
N ASN C 173 -16.14 12.87 17.27
CA ASN C 173 -15.91 12.95 18.71
C ASN C 173 -17.21 13.13 19.48
N ARG C 174 -18.18 13.84 18.91
CA ARG C 174 -19.44 14.06 19.61
C ARG C 174 -20.30 12.80 19.61
N ILE C 175 -20.25 12.02 18.53
CA ILE C 175 -20.88 10.71 18.54
C ILE C 175 -20.26 9.83 19.61
N LEU C 176 -18.92 9.84 19.70
CA LEU C 176 -18.23 9.08 20.73
C LEU C 176 -18.64 9.55 22.12
N GLY C 177 -18.79 10.86 22.30
CA GLY C 177 -19.21 11.37 23.61
C GLY C 177 -20.60 10.93 23.99
N ILE C 178 -21.51 10.88 23.02
CA ILE C 178 -22.85 10.36 23.27
C ILE C 178 -22.77 8.91 23.73
N ILE C 179 -21.94 8.12 23.05
CA ILE C 179 -21.77 6.70 23.40
C ILE C 179 -21.22 6.58 24.82
N LEU C 180 -20.17 7.34 25.12
CA LEU C 180 -19.54 7.24 26.45
C LEU C 180 -20.49 7.67 27.55
N LYS C 181 -21.31 8.70 27.29
CA LYS C 181 -22.24 9.15 28.31
C LYS C 181 -23.32 8.11 28.58
N MET C 182 -23.75 7.39 27.54
CA MET C 182 -24.74 6.33 27.73
C MET C 182 -24.12 5.11 28.40
N MET C 183 -22.94 4.69 27.94
CA MET C 183 -22.35 3.44 28.40
C MET C 183 -21.74 3.57 29.79
N VAL C 184 -21.03 4.67 30.05
CA VAL C 184 -20.26 4.82 31.29
C VAL C 184 -21.06 5.54 32.36
N GLU C 185 -21.74 6.63 32.01
CA GLU C 185 -22.51 7.39 32.97
C GLU C 185 -23.96 6.93 33.09
N GLY C 186 -24.39 5.97 32.27
CA GLY C 186 -25.76 5.50 32.32
C GLY C 186 -26.79 6.52 31.87
N LYS C 187 -26.38 7.60 31.21
CA LYS C 187 -27.31 8.62 30.76
C LYS C 187 -28.24 8.07 29.69
N SER C 188 -29.45 8.62 29.64
CA SER C 188 -30.35 8.32 28.53
C SER C 188 -29.80 8.94 27.25
N MET C 189 -30.30 8.45 26.11
CA MET C 189 -29.81 8.95 24.83
C MET C 189 -30.12 10.42 24.64
N ASP C 190 -31.30 10.87 25.10
CA ASP C 190 -31.67 12.27 24.98
C ASP C 190 -30.72 13.15 25.78
N GLU C 191 -30.43 12.75 27.02
CA GLU C 191 -29.49 13.52 27.85
C GLU C 191 -28.10 13.54 27.23
N ALA C 192 -27.65 12.39 26.72
CA ALA C 192 -26.32 12.31 26.12
C ALA C 192 -26.21 13.20 24.89
N VAL C 193 -27.25 13.18 24.03
CA VAL C 193 -27.22 14.02 22.83
C VAL C 193 -27.21 15.49 23.22
N TYR C 194 -28.11 15.89 24.12
CA TYR C 194 -28.20 17.29 24.53
C TYR C 194 -26.90 17.78 25.16
N GLU C 195 -26.27 16.95 26.00
CA GLU C 195 -25.02 17.34 26.62
C GLU C 195 -23.86 17.40 25.64
N MET C 196 -23.95 16.70 24.51
CA MET C 196 -22.92 16.72 23.49
C MET C 196 -23.21 17.70 22.36
N GLN C 197 -24.33 18.41 22.40
CA GLN C 197 -24.68 19.38 21.37
C GLN C 197 -23.76 20.60 21.43
N SAM D . 6.90 11.43 -3.89
CA SAM D . 8.12 11.21 -3.13
C SAM D . 8.85 12.54 -2.89
O SAM D . 9.88 12.60 -2.24
OXT SAM D . 8.41 13.59 -3.37
CB SAM D . 9.04 10.23 -3.84
CG SAM D . 9.98 9.48 -2.90
SD SAM D . 11.09 8.35 -3.78
CE SAM D . 10.13 6.82 -3.56
C5' SAM D . 12.41 8.10 -2.56
C4' SAM D . 13.65 8.98 -2.75
O4' SAM D . 14.30 8.74 -3.98
C3' SAM D . 13.31 10.45 -2.70
O3' SAM D . 13.49 10.97 -1.40
C2' SAM D . 14.30 11.10 -3.66
O2' SAM D . 15.37 11.65 -2.93
C1' SAM D . 14.82 9.94 -4.50
N9 SAM D . 14.37 10.12 -5.90
C8 SAM D . 13.32 9.47 -6.48
N7 SAM D . 13.21 9.89 -7.76
C5 SAM D . 14.17 10.81 -8.00
C6 SAM D . 14.50 11.55 -9.13
N6 SAM D . 13.80 11.41 -10.25
N1 SAM D . 15.56 12.42 -9.08
C2 SAM D . 16.28 12.57 -7.92
N3 SAM D . 15.95 11.83 -6.79
C4 SAM D . 14.91 10.96 -6.83
C1 GOL E . 31.33 -1.91 -11.48
O1 GOL E . 32.37 -1.48 -10.62
C2 GOL E . 30.68 -3.16 -10.91
O2 GOL E . 31.04 -3.30 -9.55
C3 GOL E . 29.16 -3.03 -11.01
O3 GOL E . 28.56 -4.12 -10.37
N SAM F . -1.90 -2.22 -19.16
CA SAM F . -1.87 -3.65 -18.91
C SAM F . -3.25 -4.27 -19.15
O SAM F . -3.42 -5.49 -19.12
OXT SAM F . -4.22 -3.56 -19.40
CB SAM F . -1.43 -3.93 -17.47
CG SAM F . -0.82 -5.31 -17.28
SD SAM F . -0.66 -5.77 -15.53
CE SAM F . 1.01 -5.15 -15.24
C5' SAM F . -0.36 -7.55 -15.67
C4' SAM F . -1.56 -8.46 -15.47
O4' SAM F . -2.03 -8.45 -14.14
C3' SAM F . -2.75 -8.06 -16.35
O3' SAM F . -2.73 -8.75 -17.57
C2' SAM F . -3.96 -8.44 -15.53
O2' SAM F . -4.43 -9.71 -15.93
C1' SAM F . -3.44 -8.52 -14.11
N9 SAM F . -3.98 -7.40 -13.33
C8 SAM F . -3.30 -6.24 -13.02
N7 SAM F . -4.11 -5.45 -12.30
C5 SAM F . -5.30 -6.07 -12.15
C6 SAM F . -6.48 -5.69 -11.52
N6 SAM F . -6.56 -4.52 -10.90
N1 SAM F . -7.55 -6.55 -11.54
C2 SAM F . -7.47 -7.77 -12.17
N3 SAM F . -6.30 -8.13 -12.81
C4 SAM F . -5.24 -7.29 -12.80
N SAM G . -22.29 11.22 5.75
CA SAM G . -22.18 9.95 6.47
C SAM G . -23.35 9.03 6.20
O SAM G . -23.35 7.88 6.63
OXT SAM G . -24.32 9.40 5.54
CB SAM G . -22.05 10.22 7.97
CG SAM G . -20.92 11.18 8.33
SD SAM G . -20.95 11.66 10.08
CE SAM G . -20.30 13.35 9.89
C5' SAM G . -19.48 10.83 10.74
C4' SAM G . -19.77 9.55 11.53
O4' SAM G . -20.54 9.79 12.69
C3' SAM G . -20.54 8.53 10.69
O3' SAM G . -19.67 7.60 10.08
C2' SAM G . -21.46 7.84 11.67
O2' SAM G . -20.92 6.59 12.02
C1' SAM G . -21.47 8.75 12.88
N9 SAM G . -22.82 9.30 13.05
C8 SAM G . -23.24 10.55 12.67
N7 SAM G . -24.55 10.68 12.98
C5 SAM G . -24.98 9.53 13.54
C6 SAM G . -26.21 9.13 14.02
N6 SAM G . -27.25 9.97 13.99
N1 SAM G . -26.36 7.86 14.55
C2 SAM G . -25.28 7.01 14.59
N3 SAM G . -24.06 7.41 14.11
C4 SAM G . -23.90 8.65 13.60
C1 GOL H . -14.09 -2.21 6.15
O1 GOL H . -13.82 -0.91 6.63
C2 GOL H . -12.77 -2.94 5.91
O2 GOL H . -12.73 -4.11 6.69
C3 GOL H . -12.66 -3.30 4.43
O3 GOL H . -13.46 -4.41 4.12
#